data_2NCI
#
_entry.id   2NCI
#
_entity_poly.entity_id   1
_entity_poly.type   'polyribonucleotide'
_entity_poly.pdbx_seq_one_letter_code
;GGACGUUAAAAGGCUUCGGCCUACGUCC
;
_entity_poly.pdbx_strand_id   A
#